data_6ZJ9
#
_entry.id   6ZJ9
#
_cell.length_a   54.907
_cell.length_b   99.154
_cell.length_c   48.186
_cell.angle_alpha   90.000
_cell.angle_beta   90.000
_cell.angle_gamma   90.000
#
_symmetry.space_group_name_H-M   'P 21 21 2'
#
loop_
_entity.id
_entity.type
_entity.pdbx_description
1 polymer 'Glutathione S-transferase'
2 non-polymer GLUTATHIONE
3 non-polymer 1,2-ETHANEDIOL
4 water water
#
_entity_poly.entity_id   1
_entity_poly.type   'polypeptide(L)'
_entity_poly.pdbx_seq_one_letter_code
;MAVKPMLHYFNGRGRMEPIRWLLAAAGVEFEETFIDTPEDFEKLKNDGSLMFQQVPMVEIDGMKLVQSRAILNYVAAKHN
LYGKDIKERALIDMYIEGVADLNEMILLLPITPPAEKDAKIMLIKDRTTNRYLPAFEKVLKSHGEDYLVGNRLSRADIHL
VELLYLVEELDPSLLTNFPLLKALKARISNLPTVKKFLQPGGARKPPGDEKSVEKSRKIFKF
;
_entity_poly.pdbx_strand_id   A
#
# COMPACT_ATOMS: atom_id res chain seq x y z
N VAL A 3 -13.73 17.30 -8.90
CA VAL A 3 -14.49 16.01 -8.83
C VAL A 3 -13.56 14.93 -8.24
N LYS A 4 -14.15 13.96 -7.54
CA LYS A 4 -13.42 12.93 -6.78
C LYS A 4 -12.77 11.92 -7.72
N PRO A 5 -11.54 11.43 -7.45
CA PRO A 5 -10.96 10.35 -8.23
C PRO A 5 -11.81 9.10 -8.12
N MET A 6 -11.81 8.34 -9.20
CA MET A 6 -12.53 7.05 -9.31
C MET A 6 -11.51 5.90 -9.39
N LEU A 7 -11.58 4.99 -8.42
CA LEU A 7 -10.67 3.81 -8.28
C LEU A 7 -11.35 2.59 -8.87
N HIS A 8 -10.70 1.99 -9.85
CA HIS A 8 -11.18 0.72 -10.46
C HIS A 8 -10.27 -0.43 -10.05
N TYR A 9 -10.85 -1.36 -9.32
CA TYR A 9 -10.19 -2.57 -8.79
C TYR A 9 -11.26 -3.55 -8.30
N PHE A 10 -10.83 -4.73 -7.94
CA PHE A 10 -11.55 -5.75 -7.13
C PHE A 10 -11.87 -5.14 -5.76
N ASN A 11 -12.95 -5.64 -5.14
CA ASN A 11 -13.33 -5.36 -3.74
C ASN A 11 -12.38 -6.10 -2.81
N GLY A 12 -11.20 -5.55 -2.59
CA GLY A 12 -10.10 -6.20 -1.85
C GLY A 12 -8.84 -5.34 -1.89
N ARG A 13 -7.81 -5.75 -1.14
CA ARG A 13 -6.60 -4.92 -0.97
C ARG A 13 -5.80 -4.92 -2.27
N GLY A 14 -5.25 -6.07 -2.62
CA GLY A 14 -4.38 -6.26 -3.79
C GLY A 14 -3.39 -5.10 -3.93
N ARG A 15 -3.24 -4.57 -5.16
CA ARG A 15 -2.26 -3.50 -5.49
C ARG A 15 -2.90 -2.11 -5.35
N MET A 16 -4.22 -2.03 -5.17
CA MET A 16 -4.94 -0.74 -5.00
C MET A 16 -4.83 -0.24 -3.54
N GLU A 17 -4.62 -1.11 -2.54
CA GLU A 17 -4.61 -0.74 -1.10
C GLU A 17 -3.67 0.43 -0.73
N PRO A 18 -2.41 0.50 -1.19
CA PRO A 18 -1.56 1.63 -0.92
C PRO A 18 -2.06 2.95 -1.50
N ILE A 19 -2.86 2.92 -2.56
CA ILE A 19 -3.45 4.13 -3.21
C ILE A 19 -4.61 4.63 -2.35
N ARG A 20 -5.40 3.69 -1.81
CA ARG A 20 -6.45 4.00 -0.81
C ARG A 20 -5.79 4.71 0.41
N TRP A 21 -4.75 4.11 0.98
CA TRP A 21 -4.06 4.70 2.16
C TRP A 21 -3.59 6.12 1.81
N LEU A 22 -2.97 6.29 0.64
CA LEU A 22 -2.25 7.56 0.33
C LEU A 22 -3.30 8.65 0.07
N LEU A 23 -4.33 8.31 -0.67
CA LEU A 23 -5.39 9.30 -0.96
C LEU A 23 -6.13 9.67 0.34
N ALA A 24 -6.44 8.67 1.18
CA ALA A 24 -6.99 8.87 2.54
C ALA A 24 -6.05 9.77 3.35
N ALA A 25 -4.75 9.50 3.39
CA ALA A 25 -3.83 10.31 4.22
C ALA A 25 -3.82 11.76 3.73
N ALA A 26 -3.93 11.98 2.42
CA ALA A 26 -3.95 13.33 1.81
C ALA A 26 -5.28 14.02 2.09
N GLY A 27 -6.24 13.33 2.70
CA GLY A 27 -7.57 13.90 2.95
C GLY A 27 -8.34 14.08 1.63
N VAL A 28 -8.05 13.28 0.60
CA VAL A 28 -8.77 13.27 -0.71
C VAL A 28 -9.92 12.24 -0.69
N GLU A 29 -11.15 12.72 -0.79
CA GLU A 29 -12.37 11.89 -0.92
C GLU A 29 -12.33 11.19 -2.29
N PHE A 30 -12.61 9.89 -2.32
CA PHE A 30 -12.55 9.15 -3.58
C PHE A 30 -13.77 8.27 -3.72
N GLU A 31 -14.07 7.80 -4.91
CA GLU A 31 -15.07 6.70 -5.07
C GLU A 31 -14.42 5.46 -5.69
N GLU A 32 -15.08 4.29 -5.56
CA GLU A 32 -14.60 3.03 -6.15
C GLU A 32 -15.70 2.39 -6.98
N THR A 33 -15.33 1.91 -8.15
CA THR A 33 -16.10 1.00 -8.99
C THR A 33 -15.41 -0.38 -8.89
N PHE A 34 -16.02 -1.31 -8.18
CA PHE A 34 -15.52 -2.68 -7.93
C PHE A 34 -15.73 -3.54 -9.17
N ILE A 35 -14.74 -4.38 -9.45
CA ILE A 35 -14.79 -5.39 -10.56
C ILE A 35 -15.35 -6.64 -9.93
N ASP A 36 -16.64 -6.93 -10.17
N ASP A 36 -16.64 -6.92 -10.17
CA ASP A 36 -17.36 -8.00 -9.42
CA ASP A 36 -17.39 -8.00 -9.44
C ASP A 36 -17.34 -9.30 -10.23
C ASP A 36 -17.31 -9.31 -10.23
N THR A 37 -17.31 -9.19 -11.56
CA THR A 37 -17.37 -10.32 -12.52
C THR A 37 -16.30 -10.19 -13.60
N PRO A 38 -15.99 -11.30 -14.32
CA PRO A 38 -15.21 -11.21 -15.57
C PRO A 38 -15.72 -10.16 -16.56
N GLU A 39 -17.03 -9.97 -16.67
CA GLU A 39 -17.67 -9.07 -17.68
C GLU A 39 -17.38 -7.63 -17.30
N ASP A 40 -17.19 -7.36 -16.02
CA ASP A 40 -16.83 -5.99 -15.56
C ASP A 40 -15.42 -5.66 -16.06
N PHE A 41 -14.48 -6.60 -15.92
CA PHE A 41 -13.07 -6.43 -16.32
C PHE A 41 -13.02 -6.24 -17.85
N GLU A 42 -13.74 -7.11 -18.57
CA GLU A 42 -13.86 -7.09 -20.05
C GLU A 42 -14.43 -5.75 -20.53
N LYS A 43 -15.35 -5.13 -19.82
CA LYS A 43 -15.88 -3.80 -20.25
C LYS A 43 -14.81 -2.71 -20.17
N LEU A 44 -13.99 -2.70 -19.12
CA LEU A 44 -12.85 -1.73 -18.96
C LEU A 44 -11.85 -1.89 -20.11
N LYS A 45 -11.46 -3.12 -20.43
CA LYS A 45 -10.55 -3.45 -21.58
C LYS A 45 -11.13 -3.00 -22.96
N ASN A 46 -12.34 -3.46 -23.28
CA ASN A 46 -13.07 -3.11 -24.53
C ASN A 46 -13.37 -1.61 -24.53
N ASP A 47 -13.40 -0.92 -23.40
CA ASP A 47 -13.62 0.55 -23.41
C ASP A 47 -12.34 1.27 -23.88
N GLY A 48 -11.20 0.56 -23.97
CA GLY A 48 -9.85 1.15 -24.10
C GLY A 48 -9.41 1.99 -22.90
N SER A 49 -9.91 1.70 -21.70
CA SER A 49 -9.58 2.45 -20.45
C SER A 49 -8.24 2.01 -19.86
N LEU A 50 -7.78 0.79 -20.17
CA LEU A 50 -6.59 0.18 -19.51
C LEU A 50 -5.40 0.09 -20.48
N MET A 51 -4.40 0.95 -20.31
CA MET A 51 -3.33 1.02 -21.32
C MET A 51 -2.68 -0.36 -21.49
N PHE A 52 -2.54 -1.13 -20.41
CA PHE A 52 -1.88 -2.44 -20.46
C PHE A 52 -2.87 -3.55 -20.14
N GLN A 53 -4.19 -3.32 -20.32
CA GLN A 53 -5.21 -4.38 -20.06
C GLN A 53 -5.19 -4.82 -18.58
N GLN A 54 -4.74 -3.96 -17.66
CA GLN A 54 -4.65 -4.35 -16.22
C GLN A 54 -5.25 -3.27 -15.32
N VAL A 55 -5.55 -3.66 -14.07
CA VAL A 55 -5.86 -2.67 -12.98
C VAL A 55 -4.80 -2.86 -11.90
N PRO A 56 -4.58 -1.94 -10.95
CA PRO A 56 -5.39 -0.73 -10.77
C PRO A 56 -5.46 0.27 -11.92
N MET A 57 -6.61 0.93 -11.95
CA MET A 57 -6.85 2.10 -12.81
C MET A 57 -7.55 3.13 -11.94
N VAL A 58 -7.10 4.39 -12.08
CA VAL A 58 -7.64 5.55 -11.35
C VAL A 58 -7.90 6.63 -12.38
N GLU A 59 -9.12 7.17 -12.37
CA GLU A 59 -9.52 8.32 -13.21
C GLU A 59 -9.34 9.57 -12.35
N ILE A 60 -8.41 10.43 -12.71
CA ILE A 60 -8.10 11.61 -11.89
C ILE A 60 -7.61 12.72 -12.82
N ASP A 61 -8.13 13.93 -12.63
CA ASP A 61 -7.71 15.14 -13.38
C ASP A 61 -7.70 14.86 -14.88
N GLY A 62 -8.77 14.25 -15.39
CA GLY A 62 -8.95 13.94 -16.83
C GLY A 62 -8.01 12.88 -17.40
N MET A 63 -7.31 12.06 -16.60
CA MET A 63 -6.52 10.91 -17.12
C MET A 63 -7.10 9.59 -16.58
N LYS A 64 -6.90 8.53 -17.34
CA LYS A 64 -7.11 7.12 -16.95
C LYS A 64 -5.72 6.55 -16.72
N LEU A 65 -5.27 6.67 -15.47
CA LEU A 65 -3.90 6.28 -15.06
C LEU A 65 -3.95 4.83 -14.65
N VAL A 66 -3.09 4.03 -15.26
CA VAL A 66 -2.75 2.68 -14.75
C VAL A 66 -1.28 2.66 -14.28
N GLN A 67 -0.86 1.53 -13.69
CA GLN A 67 0.44 1.29 -13.01
C GLN A 67 0.40 1.91 -11.59
N SER A 68 0.32 1.05 -10.57
N SER A 68 0.30 1.05 -10.59
CA SER A 68 0.24 1.46 -9.15
CA SER A 68 0.26 1.43 -9.17
C SER A 68 1.24 2.59 -8.86
C SER A 68 1.24 2.58 -8.86
N ARG A 69 2.51 2.44 -9.27
CA ARG A 69 3.57 3.43 -8.93
C ARG A 69 3.34 4.76 -9.64
N ALA A 70 2.81 4.76 -10.85
CA ALA A 70 2.50 6.00 -11.60
C ALA A 70 1.42 6.77 -10.85
N ILE A 71 0.37 6.06 -10.44
CA ILE A 71 -0.78 6.63 -9.67
C ILE A 71 -0.25 7.19 -8.33
N LEU A 72 0.52 6.40 -7.60
CA LEU A 72 1.03 6.84 -6.29
C LEU A 72 1.89 8.10 -6.48
N ASN A 73 2.81 8.06 -7.46
CA ASN A 73 3.80 9.14 -7.65
C ASN A 73 2.99 10.42 -7.88
N TYR A 74 1.91 10.32 -8.63
CA TYR A 74 1.15 11.52 -9.08
C TYR A 74 0.38 12.08 -7.85
N VAL A 75 -0.23 11.19 -7.06
CA VAL A 75 -0.98 11.59 -5.83
C VAL A 75 0.01 12.22 -4.86
N ALA A 76 1.11 11.56 -4.55
CA ALA A 76 2.07 12.11 -3.54
C ALA A 76 2.54 13.50 -3.96
N ALA A 77 2.78 13.71 -5.26
CA ALA A 77 3.39 14.98 -5.73
C ALA A 77 2.30 16.04 -5.69
N LYS A 78 1.11 15.72 -6.21
CA LYS A 78 0.02 16.71 -6.21
C LYS A 78 -0.27 17.17 -4.76
N HIS A 79 -0.18 16.30 -3.76
CA HIS A 79 -0.74 16.60 -2.42
C HIS A 79 0.39 16.73 -1.40
N ASN A 80 1.57 17.13 -1.88
CA ASN A 80 2.68 17.60 -1.01
C ASN A 80 3.16 16.48 -0.06
N LEU A 81 3.22 15.23 -0.50
CA LEU A 81 3.65 14.09 0.33
C LEU A 81 4.90 13.45 -0.28
N TYR A 82 5.65 14.20 -1.10
CA TYR A 82 6.81 13.65 -1.82
C TYR A 82 8.06 14.45 -1.49
N GLY A 83 8.19 15.03 -0.29
CA GLY A 83 9.43 15.73 0.12
C GLY A 83 9.52 17.10 -0.53
N LYS A 84 10.48 17.89 -0.06
CA LYS A 84 10.59 19.33 -0.42
C LYS A 84 11.49 19.49 -1.64
N ASP A 85 12.34 18.50 -1.95
CA ASP A 85 13.39 18.62 -3.01
C ASP A 85 13.76 17.20 -3.48
N ILE A 86 14.56 17.09 -4.56
CA ILE A 86 14.81 15.79 -5.21
C ILE A 86 15.71 14.95 -4.32
N LYS A 87 16.43 15.57 -3.40
CA LYS A 87 17.24 14.81 -2.41
C LYS A 87 16.31 14.13 -1.38
N GLU A 88 15.30 14.82 -0.86
CA GLU A 88 14.32 14.18 0.04
C GLU A 88 13.54 13.08 -0.70
N ARG A 89 13.16 13.35 -1.95
N ARG A 89 13.14 13.33 -1.96
CA ARG A 89 12.50 12.37 -2.85
CA ARG A 89 12.47 12.32 -2.84
C ARG A 89 13.38 11.11 -3.01
C ARG A 89 13.38 11.09 -3.00
N ALA A 90 14.71 11.24 -3.12
CA ALA A 90 15.62 10.07 -3.26
C ALA A 90 15.54 9.16 -2.01
N LEU A 91 15.56 9.76 -0.82
CA LEU A 91 15.38 9.05 0.46
C LEU A 91 13.99 8.40 0.52
N ILE A 92 12.94 9.18 0.23
CA ILE A 92 11.53 8.69 0.24
C ILE A 92 11.44 7.49 -0.69
N ASP A 93 11.95 7.59 -1.94
CA ASP A 93 11.87 6.47 -2.94
C ASP A 93 12.66 5.24 -2.45
N MET A 94 13.87 5.44 -1.93
CA MET A 94 14.71 4.34 -1.41
C MET A 94 13.94 3.62 -0.29
N TYR A 95 13.37 4.36 0.66
CA TYR A 95 12.57 3.80 1.79
C TYR A 95 11.33 3.05 1.28
N ILE A 96 10.57 3.65 0.37
CA ILE A 96 9.26 3.05 0.00
C ILE A 96 9.49 1.92 -0.99
N GLU A 97 10.60 1.91 -1.72
CA GLU A 97 10.93 0.74 -2.57
C GLU A 97 11.33 -0.43 -1.69
N GLY A 98 11.89 -0.16 -0.51
CA GLY A 98 12.14 -1.27 0.42
C GLY A 98 10.82 -1.78 1.00
N VAL A 99 9.92 -0.87 1.32
CA VAL A 99 8.57 -1.26 1.79
C VAL A 99 7.93 -2.13 0.70
N ALA A 100 8.03 -1.70 -0.57
CA ALA A 100 7.35 -2.36 -1.71
C ALA A 100 7.85 -3.81 -1.82
N ASP A 101 9.12 -4.07 -1.56
CA ASP A 101 9.67 -5.44 -1.76
C ASP A 101 9.09 -6.38 -0.69
N LEU A 102 8.99 -5.90 0.54
CA LEU A 102 8.45 -6.76 1.63
C LEU A 102 6.96 -6.88 1.41
N ASN A 103 6.29 -5.81 0.98
CA ASN A 103 4.84 -5.84 0.65
C ASN A 103 4.53 -6.96 -0.37
N GLU A 104 5.31 -6.99 -1.46
CA GLU A 104 5.21 -7.93 -2.61
C GLU A 104 5.28 -9.39 -2.12
N MET A 105 6.19 -9.67 -1.19
CA MET A 105 6.34 -11.05 -0.66
C MET A 105 5.05 -11.43 0.09
N ILE A 106 4.52 -10.50 0.88
CA ILE A 106 3.29 -10.74 1.67
C ILE A 106 2.14 -10.82 0.68
N LEU A 107 2.10 -9.92 -0.31
CA LEU A 107 1.02 -9.86 -1.33
C LEU A 107 0.85 -11.18 -2.10
N LEU A 108 1.93 -11.89 -2.40
CA LEU A 108 1.92 -13.13 -3.23
C LEU A 108 1.75 -14.40 -2.38
N LEU A 109 1.68 -14.29 -1.05
CA LEU A 109 1.50 -15.45 -0.13
C LEU A 109 0.27 -16.25 -0.51
N PRO A 110 -0.92 -15.61 -0.63
CA PRO A 110 -2.15 -16.35 -0.97
C PRO A 110 -2.06 -17.22 -2.23
N ILE A 111 -1.24 -16.85 -3.22
CA ILE A 111 -1.06 -17.65 -4.48
C ILE A 111 0.28 -18.37 -4.47
N THR A 112 0.83 -18.69 -3.30
CA THR A 112 2.09 -19.48 -3.19
C THR A 112 1.64 -20.93 -3.13
N PRO A 113 2.23 -21.85 -3.94
CA PRO A 113 1.98 -23.29 -3.78
C PRO A 113 2.10 -23.64 -2.30
N PRO A 114 1.06 -24.27 -1.70
CA PRO A 114 1.05 -24.47 -0.26
C PRO A 114 2.25 -25.29 0.26
N ALA A 115 2.91 -26.05 -0.62
CA ALA A 115 4.10 -26.87 -0.31
C ALA A 115 5.30 -25.95 -0.01
N GLU A 116 5.40 -24.80 -0.67
CA GLU A 116 6.52 -23.83 -0.49
C GLU A 116 6.12 -22.63 0.40
N LYS A 117 4.92 -22.61 1.00
CA LYS A 117 4.37 -21.46 1.76
C LYS A 117 5.08 -21.28 3.12
N ASP A 118 5.33 -22.36 3.86
CA ASP A 118 6.01 -22.29 5.17
C ASP A 118 7.37 -21.59 5.02
N ALA A 119 8.19 -22.11 4.10
CA ALA A 119 9.53 -21.59 3.80
C ALA A 119 9.43 -20.12 3.38
N LYS A 120 8.43 -19.79 2.57
CA LYS A 120 8.20 -18.39 2.11
C LYS A 120 7.81 -17.54 3.34
N ILE A 121 7.01 -18.08 4.28
CA ILE A 121 6.65 -17.33 5.52
C ILE A 121 7.91 -17.13 6.37
N MET A 122 8.76 -18.15 6.50
CA MET A 122 10.04 -18.05 7.25
C MET A 122 10.92 -16.97 6.61
N LEU A 123 11.06 -16.99 5.28
CA LEU A 123 11.88 -15.97 4.56
C LEU A 123 11.34 -14.57 4.88
N ILE A 124 10.00 -14.38 4.88
CA ILE A 124 9.38 -13.07 5.20
C ILE A 124 9.73 -12.66 6.65
N LYS A 125 9.57 -13.57 7.63
CA LYS A 125 9.87 -13.25 9.06
C LYS A 125 11.35 -12.90 9.21
N ASP A 126 12.23 -13.71 8.60
CA ASP A 126 13.67 -13.43 8.58
C ASP A 126 13.92 -12.02 7.98
N ARG A 127 13.48 -11.73 6.76
CA ARG A 127 13.71 -10.42 6.10
C ARG A 127 13.09 -9.30 6.94
N THR A 128 11.91 -9.49 7.54
CA THR A 128 11.25 -8.42 8.34
C THR A 128 12.16 -8.03 9.52
N THR A 129 12.59 -9.01 10.31
CA THR A 129 13.32 -8.80 11.60
C THR A 129 14.82 -8.51 11.37
N ASN A 130 15.44 -9.00 10.28
CA ASN A 130 16.91 -8.94 10.06
C ASN A 130 17.27 -7.93 8.96
N ARG A 131 16.35 -7.52 8.07
CA ARG A 131 16.70 -6.59 6.97
C ARG A 131 15.84 -5.33 7.01
N TYR A 132 14.53 -5.41 6.84
CA TYR A 132 13.71 -4.20 6.59
C TYR A 132 13.51 -3.36 7.86
N LEU A 133 12.91 -3.94 8.89
CA LEU A 133 12.49 -3.18 10.09
C LEU A 133 13.73 -2.63 10.80
N PRO A 134 14.88 -3.34 10.91
CA PRO A 134 16.08 -2.74 11.50
C PRO A 134 16.53 -1.50 10.72
N ALA A 135 16.39 -1.55 9.40
CA ALA A 135 16.80 -0.42 8.54
C ALA A 135 15.93 0.80 8.86
N PHE A 136 14.60 0.65 8.98
CA PHE A 136 13.71 1.82 9.21
C PHE A 136 13.85 2.31 10.66
N GLU A 137 13.96 1.36 11.60
CA GLU A 137 14.30 1.64 13.04
C GLU A 137 15.58 2.50 13.12
N LYS A 138 16.65 2.12 12.41
CA LYS A 138 17.92 2.91 12.40
C LYS A 138 17.65 4.29 11.81
N VAL A 139 16.84 4.43 10.79
CA VAL A 139 16.57 5.80 10.25
C VAL A 139 16.01 6.68 11.38
N LEU A 140 15.02 6.15 12.11
CA LEU A 140 14.30 6.93 13.16
C LEU A 140 15.30 7.19 14.30
N LYS A 141 16.13 6.18 14.62
CA LYS A 141 17.18 6.31 15.67
C LYS A 141 18.16 7.44 15.34
N SER A 142 18.59 7.52 14.08
CA SER A 142 19.65 8.46 13.65
C SER A 142 19.22 9.93 13.85
N HIS A 143 17.96 10.32 13.61
CA HIS A 143 17.58 11.76 13.67
C HIS A 143 16.67 12.05 14.87
N GLY A 144 16.06 11.03 15.51
CA GLY A 144 15.05 11.23 16.57
C GLY A 144 13.82 12.08 16.20
N GLU A 145 13.55 12.36 14.94
CA GLU A 145 12.32 13.10 14.56
C GLU A 145 11.10 12.15 14.42
N ASP A 146 9.91 12.74 14.38
CA ASP A 146 8.61 12.04 14.38
C ASP A 146 8.31 11.41 13.00
N TYR A 147 9.01 11.86 11.94
CA TYR A 147 8.74 11.45 10.54
C TYR A 147 10.04 10.92 9.91
N LEU A 148 9.95 10.02 8.93
CA LEU A 148 11.15 9.39 8.33
C LEU A 148 12.04 10.43 7.60
N VAL A 149 11.48 11.41 6.89
CA VAL A 149 12.28 12.31 6.02
C VAL A 149 11.86 13.76 6.25
N GLY A 150 12.82 14.66 6.48
CA GLY A 150 12.59 16.12 6.35
C GLY A 150 11.84 16.65 7.54
N ASN A 151 11.70 15.84 8.60
CA ASN A 151 10.88 16.20 9.79
C ASN A 151 9.46 16.60 9.40
N ARG A 152 8.85 15.89 8.47
CA ARG A 152 7.57 16.32 7.87
C ARG A 152 6.90 15.06 7.35
N LEU A 153 5.58 15.01 7.40
CA LEU A 153 4.76 13.89 6.89
C LEU A 153 5.08 13.69 5.39
N SER A 154 5.41 12.47 5.00
CA SER A 154 5.56 12.06 3.58
C SER A 154 4.84 10.71 3.34
N ARG A 155 4.74 10.33 2.08
CA ARG A 155 4.23 9.01 1.68
C ARG A 155 5.07 7.90 2.32
N ALA A 156 6.34 8.17 2.68
CA ALA A 156 7.20 7.12 3.26
C ALA A 156 6.63 6.65 4.60
N ASP A 157 6.13 7.61 5.38
CA ASP A 157 5.51 7.32 6.71
C ASP A 157 4.24 6.49 6.45
N ILE A 158 3.43 6.95 5.51
CA ILE A 158 2.13 6.32 5.15
C ILE A 158 2.37 4.89 4.66
N HIS A 159 3.32 4.67 3.73
CA HIS A 159 3.57 3.32 3.15
C HIS A 159 4.17 2.39 4.21
N LEU A 160 5.10 2.90 5.02
CA LEU A 160 5.72 2.05 6.06
C LEU A 160 4.66 1.63 7.11
N VAL A 161 3.79 2.56 7.49
CA VAL A 161 2.82 2.23 8.56
C VAL A 161 1.81 1.20 8.00
N GLU A 162 1.40 1.30 6.73
CA GLU A 162 0.55 0.26 6.11
C GLU A 162 1.29 -1.10 6.19
N LEU A 163 2.59 -1.15 5.88
CA LEU A 163 3.34 -2.43 5.95
C LEU A 163 3.42 -2.93 7.42
N LEU A 164 3.62 -2.05 8.39
CA LEU A 164 3.67 -2.45 9.83
C LEU A 164 2.33 -3.10 10.26
N TYR A 165 1.18 -2.60 9.81
CA TYR A 165 -0.10 -3.30 10.05
C TYR A 165 -0.10 -4.69 9.38
N LEU A 166 0.44 -4.83 8.18
CA LEU A 166 0.44 -6.14 7.49
C LEU A 166 1.35 -7.06 8.28
N VAL A 167 2.47 -6.53 8.74
CA VAL A 167 3.42 -7.37 9.50
C VAL A 167 2.72 -7.86 10.78
N GLU A 168 2.01 -6.97 11.46
CA GLU A 168 1.31 -7.31 12.73
C GLU A 168 0.23 -8.37 12.46
N GLU A 169 -0.54 -8.26 11.38
CA GLU A 169 -1.52 -9.29 10.97
C GLU A 169 -0.82 -10.65 10.80
N LEU A 170 0.34 -10.69 10.15
CA LEU A 170 1.06 -11.98 9.90
C LEU A 170 1.56 -12.58 11.25
N ASP A 171 2.12 -11.75 12.13
CA ASP A 171 2.69 -12.22 13.41
C ASP A 171 3.04 -11.00 14.25
N PRO A 172 2.23 -10.62 15.28
CA PRO A 172 2.54 -9.45 16.11
C PRO A 172 3.90 -9.45 16.83
N SER A 173 4.49 -10.60 17.09
CA SER A 173 5.81 -10.68 17.78
C SER A 173 6.92 -10.04 16.89
N LEU A 174 6.68 -9.91 15.57
CA LEU A 174 7.69 -9.35 14.61
C LEU A 174 7.98 -7.89 14.92
N LEU A 175 7.07 -7.19 15.57
CA LEU A 175 7.23 -5.74 15.89
C LEU A 175 7.87 -5.51 17.27
N THR A 176 8.02 -6.57 18.06
CA THR A 176 8.42 -6.55 19.49
C THR A 176 9.71 -5.72 19.67
N ASN A 177 10.78 -5.99 18.88
CA ASN A 177 12.10 -5.31 19.04
C ASN A 177 12.17 -3.99 18.27
N PHE A 178 11.05 -3.41 17.82
CA PHE A 178 11.11 -2.17 17.00
C PHE A 178 10.27 -1.07 17.63
N PRO A 179 10.72 -0.55 18.77
CA PRO A 179 9.92 0.40 19.53
C PRO A 179 9.69 1.69 18.75
N LEU A 180 10.66 2.17 17.98
CA LEU A 180 10.45 3.47 17.30
C LEU A 180 9.43 3.30 16.16
N LEU A 181 9.39 2.11 15.54
CA LEU A 181 8.45 1.83 14.43
C LEU A 181 7.03 1.74 15.05
N LYS A 182 6.91 1.10 16.21
CA LYS A 182 5.62 1.03 16.94
C LYS A 182 5.14 2.46 17.26
N ALA A 183 5.99 3.34 17.79
CA ALA A 183 5.62 4.74 18.05
C ALA A 183 5.20 5.40 16.73
N LEU A 184 5.96 5.25 15.63
CA LEU A 184 5.55 5.81 14.31
C LEU A 184 4.11 5.33 13.95
N LYS A 185 3.87 4.04 14.02
CA LYS A 185 2.54 3.42 13.69
C LYS A 185 1.45 4.07 14.53
N ALA A 186 1.70 4.31 15.82
CA ALA A 186 0.72 4.95 16.72
C ALA A 186 0.47 6.40 16.30
N ARG A 187 1.53 7.17 16.00
CA ARG A 187 1.38 8.61 15.60
C ARG A 187 0.67 8.67 14.23
N ILE A 188 1.08 7.88 13.23
CA ILE A 188 0.51 8.06 11.86
C ILE A 188 -0.99 7.65 11.85
N SER A 189 -1.30 6.55 12.54
CA SER A 189 -2.68 6.07 12.82
C SER A 189 -3.56 7.14 13.44
N ASN A 190 -2.99 8.18 14.06
CA ASN A 190 -3.72 9.23 14.79
C ASN A 190 -3.75 10.54 13.99
N LEU A 191 -3.12 10.62 12.81
CA LEU A 191 -3.43 11.78 11.90
C LEU A 191 -4.91 11.76 11.61
N PRO A 192 -5.64 12.89 11.74
CA PRO A 192 -7.10 12.87 11.54
C PRO A 192 -7.55 12.12 10.26
N THR A 193 -6.87 12.29 9.13
CA THR A 193 -7.32 11.65 7.85
C THR A 193 -7.14 10.14 7.95
N VAL A 194 -6.02 9.69 8.46
CA VAL A 194 -5.70 8.22 8.49
C VAL A 194 -6.61 7.56 9.54
N LYS A 195 -6.94 8.29 10.61
CA LYS A 195 -7.77 7.76 11.73
C LYS A 195 -9.15 7.37 11.16
N LYS A 196 -9.77 8.26 10.40
CA LYS A 196 -11.07 7.98 9.72
C LYS A 196 -10.94 6.81 8.76
N PHE A 197 -9.82 6.73 8.06
CA PHE A 197 -9.53 5.63 7.11
C PHE A 197 -9.52 4.28 7.84
N LEU A 198 -9.08 4.24 9.09
CA LEU A 198 -8.89 2.94 9.82
C LEU A 198 -10.13 2.65 10.65
N GLN A 199 -10.95 3.67 10.91
CA GLN A 199 -12.17 3.52 11.73
C GLN A 199 -13.26 2.84 10.91
N PRO A 200 -14.23 2.23 11.62
CA PRO A 200 -15.40 1.60 10.99
C PRO A 200 -16.01 2.56 9.95
N GLY A 201 -16.30 2.05 8.76
CA GLY A 201 -16.85 2.86 7.65
C GLY A 201 -15.75 3.43 6.76
N GLY A 202 -14.50 3.28 7.16
CA GLY A 202 -13.35 3.61 6.30
C GLY A 202 -13.21 2.71 5.08
N ALA A 203 -12.50 3.20 4.06
CA ALA A 203 -12.28 2.53 2.74
C ALA A 203 -11.19 1.46 2.87
N ARG A 204 -10.52 1.36 4.03
CA ARG A 204 -9.50 0.33 4.27
C ARG A 204 -10.15 -1.03 4.02
N LYS A 205 -9.49 -1.90 3.29
CA LYS A 205 -10.07 -3.19 2.85
C LYS A 205 -9.66 -4.24 3.89
N PRO A 206 -10.50 -5.25 4.10
CA PRO A 206 -10.13 -6.33 5.00
C PRO A 206 -9.06 -7.18 4.31
N PRO A 207 -8.34 -8.00 5.11
CA PRO A 207 -7.45 -9.02 4.55
C PRO A 207 -8.24 -10.08 3.77
N GLY A 208 -7.56 -10.74 2.82
CA GLY A 208 -8.18 -11.83 2.05
C GLY A 208 -8.66 -12.97 2.94
N ASP A 209 -9.56 -13.80 2.41
CA ASP A 209 -9.78 -15.20 2.87
C ASP A 209 -9.60 -16.11 1.64
N GLU A 210 -9.69 -17.43 1.83
CA GLU A 210 -9.47 -18.48 0.77
C GLU A 210 -10.54 -18.40 -0.32
N LYS A 211 -11.75 -17.94 0.01
CA LYS A 211 -12.90 -17.80 -0.94
C LYS A 211 -12.82 -16.47 -1.70
N SER A 212 -12.06 -15.50 -1.17
CA SER A 212 -11.87 -14.15 -1.77
C SER A 212 -10.75 -14.20 -2.82
N VAL A 213 -9.67 -14.93 -2.56
CA VAL A 213 -8.56 -15.14 -3.53
C VAL A 213 -9.10 -15.95 -4.72
N GLU A 214 -9.98 -16.93 -4.43
CA GLU A 214 -10.68 -17.76 -5.45
C GLU A 214 -11.45 -16.85 -6.42
N LYS A 215 -12.28 -15.95 -5.88
CA LYS A 215 -13.04 -14.95 -6.68
C LYS A 215 -12.08 -14.18 -7.62
N SER A 216 -10.93 -13.68 -7.13
CA SER A 216 -9.99 -12.84 -7.92
C SER A 216 -9.26 -13.70 -8.97
N ARG A 217 -9.05 -15.00 -8.70
CA ARG A 217 -8.29 -15.94 -9.59
C ARG A 217 -9.12 -16.35 -10.82
N LYS A 218 -10.44 -16.16 -10.83
CA LYS A 218 -11.31 -16.49 -12.01
C LYS A 218 -11.53 -15.23 -12.88
N ILE A 219 -11.52 -14.03 -12.28
CA ILE A 219 -11.75 -12.70 -12.97
C ILE A 219 -10.51 -12.31 -13.78
N PHE A 220 -9.33 -12.24 -13.15
CA PHE A 220 -8.00 -11.92 -13.77
C PHE A 220 -7.33 -13.22 -14.28
N LYS A 221 -7.75 -14.38 -13.75
CA LYS A 221 -7.20 -15.74 -13.99
C LYS A 221 -5.65 -15.76 -14.02
N PHE A 222 -5.02 -15.66 -12.84
CA PHE A 222 -3.56 -15.70 -12.64
C PHE A 222 -3.20 -16.78 -11.61
#